data_2R8G
#
_entry.id   2R8G
#
_cell.length_a   93.5
_cell.length_b   103.3
_cell.length_c   52.8
_cell.angle_alpha   90
_cell.angle_beta   90
_cell.angle_gamma   90
#
_symmetry.space_group_name_H-M   'P 21 21 2'
#
loop_
_entity.id
_entity.type
_entity.pdbx_description
1 polymer "5'-D(*DGP*DGP*DGP*DGP*DGP*DAP*DAP*DGP*DGP*DAP*DTP*DTP*DT)-3'"
2 polymer "5'-D(*DTP*DCP*DAP*DCP*(P)P*DGP*DAP*DAP*DAP*DTP*DCP*DCP*DTP*DTP*DCP*DCP*DCP*DCP*DC)-3'"
3 polymer 'DNA polymerase IV'
4 non-polymer 'CALCIUM ION'
5 non-polymer "2'-DEOXYGUANOSINE-5'-TRIPHOSPHATE"
6 water water
#
loop_
_entity_poly.entity_id
_entity_poly.type
_entity_poly.pdbx_seq_one_letter_code
_entity_poly.pdbx_strand_id
1 'polydeoxyribonucleotide' (DG)(DG)(DG)(DG)(DG)(DA)(DA)(DG)(DG)(DA)(DT)(DT)(DT) P
2 'polydeoxyribonucleotide' (DT)(DC)(DA)(DC)(P)(DG)(DA)(DA)(DA)(DT)(DC)(DC)(DT)(DT)(DC)(DC)(DC)(DC)(DC) T
3 'polypeptide(L)'
;MIVLFVDFDYFYAQVEEVLNPSLKGKPVVVCVFSGRFEDSGAVATANYEARKFGVKAGIPIVEAKKILPNAVYLPMRKEV
YQQVSSRIMNLLREYSEKIEIASIDEAYLDISDKVRDYREAYNLGLEIKNKILEKEKITVTVGISKNKVFAKIAADMAKP
NGIKVIDDEEVKRLIRELDIADVPGIGNITAEKLKKLGINKLVDTLSIEFDKLKGMIGEAKAKYLISLARDEYNEPIRTR
VRKSIGRIVTMKRNSRNLEEIKPYLFRAIEESYYKLDKRIPKAIHVVAVTEDLDIVSRGRTFPHGISKETAYSESVKLLQ
KILEEDERKIRRIGVRFSKFIEAIGLDKFFDT
;
A
#
loop_
_chem_comp.id
_chem_comp.type
_chem_comp.name
_chem_comp.formula
CA non-polymer 'CALCIUM ION' 'Ca 2'
DA DNA linking 2'-DEOXYADENOSINE-5'-MONOPHOSPHATE 'C10 H14 N5 O6 P'
DC DNA linking 2'-DEOXYCYTIDINE-5'-MONOPHOSPHATE 'C9 H14 N3 O7 P'
DG DNA linking 2'-DEOXYGUANOSINE-5'-MONOPHOSPHATE 'C10 H14 N5 O7 P'
DGT non-polymer 2'-DEOXYGUANOSINE-5'-TRIPHOSPHATE 'C10 H16 N5 O13 P3'
DT DNA linking THYMIDINE-5'-MONOPHOSPHATE 'C10 H15 N2 O8 P'
P DNA linking '2'-DEOXY-N1,N2-PROPANO GUANOSINE MONOPHOSPHATE' 'C13 H18 N5 O7 P'
#
# COMPACT_ATOMS: atom_id res chain seq x y z
P P B 5 -0.55 -12.62 -9.15
OP1 P B 5 -0.92 -13.05 -10.51
OP2 P B 5 0.70 -13.15 -8.52
O5' P B 5 -0.51 -11.02 -9.09
C5' P B 5 -0.87 -10.37 -7.89
C4' P B 5 -0.80 -8.86 -8.03
O4' P B 5 -1.08 -8.31 -6.73
C3' P B 5 0.60 -8.40 -8.40
O3' P B 5 0.56 -7.31 -9.31
C2' P B 5 1.24 -8.05 -7.07
C1' P B 5 0.07 -7.70 -6.16
N9 P B 5 0.22 -8.23 -4.81
C8 P B 5 0.70 -9.47 -4.47
N7 P B 5 0.79 -9.64 -3.17
C5 P B 5 0.32 -8.44 -2.63
C6 P B 5 0.18 -8.04 -1.28
O6 P B 5 0.48 -8.69 -0.26
N1 P B 5 -0.34 -6.75 -1.16
C2 P B 5 -0.68 -5.95 -2.24
N2 P B 5 -1.18 -4.72 -1.98
N3 P B 5 -0.55 -6.31 -3.51
C4 P B 5 -0.05 -7.56 -3.62
C6A P B 5 -0.71 -4.01 -0.88
C7A P B 5 -0.31 -4.75 0.37
C8A P B 5 -0.49 -6.23 0.12
N MET C 1 1.48 23.87 11.98
CA MET C 1 1.58 22.75 11.00
C MET C 1 0.26 21.97 10.94
N ILE C 2 -0.46 22.11 9.83
CA ILE C 2 -1.74 21.41 9.69
C ILE C 2 -1.73 20.46 8.50
N VAL C 3 -1.87 19.17 8.77
CA VAL C 3 -1.89 18.18 7.70
C VAL C 3 -3.26 17.55 7.48
N LEU C 4 -3.62 17.46 6.20
CA LEU C 4 -4.90 16.87 5.81
C LEU C 4 -4.67 15.58 5.01
N PHE C 5 -5.07 14.45 5.60
CA PHE C 5 -4.91 13.16 4.95
C PHE C 5 -6.21 12.68 4.30
N VAL C 6 -6.13 12.27 3.04
CA VAL C 6 -7.30 11.78 2.33
C VAL C 6 -7.15 10.30 1.97
N ASP C 7 -8.11 9.47 2.36
CA ASP C 7 -8.06 8.02 2.10
C ASP C 7 -9.35 7.57 1.42
N PHE C 8 -9.31 7.23 0.13
CA PHE C 8 -10.53 6.80 -0.59
C PHE C 8 -11.12 5.49 -0.01
N ASP C 9 -12.39 5.48 0.37
CA ASP C 9 -13.03 4.30 0.98
C ASP C 9 -13.16 3.03 0.12
N TYR C 10 -12.78 1.89 0.70
CA TYR C 10 -12.80 0.57 0.04
C TYR C 10 -12.66 0.81 -1.46
N PHE C 11 -11.63 1.58 -1.80
CA PHE C 11 -11.37 2.01 -3.14
C PHE C 11 -11.68 1.14 -4.36
N TYR C 12 -11.01 0.02 -4.57
CA TYR C 12 -11.32 -0.78 -5.78
C TYR C 12 -12.80 -1.13 -5.82
N ALA C 13 -13.31 -1.69 -4.73
CA ALA C 13 -14.70 -2.05 -4.66
C ALA C 13 -15.54 -0.84 -5.06
N GLN C 14 -15.33 0.30 -4.41
CA GLN C 14 -16.11 1.48 -4.75
C GLN C 14 -16.04 1.90 -6.23
N VAL C 15 -14.87 1.75 -6.86
CA VAL C 15 -14.79 2.14 -8.25
C VAL C 15 -15.64 1.22 -9.12
N GLU C 16 -15.57 -0.08 -8.83
CA GLU C 16 -16.34 -1.07 -9.56
C GLU C 16 -17.81 -0.77 -9.36
N GLU C 17 -18.11 -0.22 -8.20
CA GLU C 17 -19.47 0.13 -7.83
C GLU C 17 -19.89 1.32 -8.69
N VAL C 18 -19.07 2.36 -8.66
CA VAL C 18 -19.33 3.55 -9.43
C VAL C 18 -19.57 3.21 -10.89
N LEU C 19 -18.73 2.34 -11.45
CA LEU C 19 -18.85 1.92 -12.84
C LEU C 19 -20.09 1.07 -13.17
N ASN C 20 -20.75 0.56 -12.13
CA ASN C 20 -21.96 -0.25 -12.30
C ASN C 20 -22.81 -0.03 -11.05
N PRO C 21 -23.49 1.12 -10.97
CA PRO C 21 -24.34 1.49 -9.84
C PRO C 21 -25.27 0.43 -9.27
N SER C 22 -25.74 -0.48 -10.12
CA SER C 22 -26.63 -1.53 -9.67
C SER C 22 -25.98 -2.32 -8.54
N LEU C 23 -24.65 -2.32 -8.52
CA LEU C 23 -23.89 -3.03 -7.49
C LEU C 23 -24.01 -2.45 -6.09
N LYS C 24 -24.20 -1.14 -6.02
CA LYS C 24 -24.32 -0.47 -4.73
C LYS C 24 -25.32 -1.20 -3.83
N GLY C 25 -24.97 -1.36 -2.56
CA GLY C 25 -25.87 -2.04 -1.66
C GLY C 25 -25.54 -3.50 -1.47
N LYS C 26 -25.09 -4.18 -2.53
CA LYS C 26 -24.73 -5.60 -2.45
C LYS C 26 -23.30 -5.79 -1.97
N PRO C 27 -22.95 -6.99 -1.47
CA PRO C 27 -21.59 -7.26 -0.99
C PRO C 27 -20.66 -7.55 -2.19
N VAL C 28 -19.70 -6.68 -2.44
CA VAL C 28 -18.78 -6.83 -3.56
C VAL C 28 -17.36 -7.21 -3.17
N VAL C 29 -16.79 -8.18 -3.88
CA VAL C 29 -15.44 -8.64 -3.59
C VAL C 29 -14.61 -8.58 -4.87
N VAL C 30 -13.59 -7.73 -4.90
CA VAL C 30 -12.72 -7.59 -6.06
C VAL C 30 -11.59 -8.60 -5.93
N CYS C 31 -11.51 -9.53 -6.87
CA CYS C 31 -10.52 -10.60 -6.81
C CYS C 31 -9.34 -10.59 -7.77
N VAL C 32 -8.33 -11.37 -7.40
CA VAL C 32 -7.15 -11.55 -8.22
C VAL C 32 -7.04 -13.06 -8.39
N PHE C 33 -7.61 -13.56 -9.48
CA PHE C 33 -7.61 -14.98 -9.79
C PHE C 33 -6.25 -15.47 -10.31
N SER C 34 -5.60 -16.35 -9.56
CA SER C 34 -4.30 -16.88 -9.96
C SER C 34 -4.37 -17.80 -11.18
N GLY C 35 -5.56 -18.31 -11.50
CA GLY C 35 -5.69 -19.19 -12.64
C GLY C 35 -5.18 -20.62 -12.41
N ARG C 36 -4.72 -20.90 -11.19
CA ARG C 36 -4.24 -22.24 -10.87
C ARG C 36 -5.37 -23.22 -11.07
N PHE C 37 -6.42 -23.09 -10.24
CA PHE C 37 -7.60 -23.96 -10.33
C PHE C 37 -8.89 -23.15 -10.42
N GLU C 38 -9.94 -23.61 -9.75
CA GLU C 38 -11.22 -22.88 -9.79
C GLU C 38 -11.34 -21.99 -8.56
N ASP C 39 -11.42 -20.67 -8.81
CA ASP C 39 -11.53 -19.70 -7.73
C ASP C 39 -10.24 -19.60 -6.92
N SER C 40 -9.12 -19.96 -7.53
CA SER C 40 -7.82 -19.87 -6.86
C SER C 40 -7.41 -18.40 -6.87
N GLY C 41 -6.86 -17.92 -5.76
CA GLY C 41 -6.46 -16.54 -5.72
C GLY C 41 -6.77 -15.91 -4.39
N ALA C 42 -6.78 -14.58 -4.32
CA ALA C 42 -7.06 -13.88 -3.07
C ALA C 42 -7.95 -12.67 -3.28
N VAL C 43 -8.37 -12.05 -2.18
CA VAL C 43 -9.22 -10.87 -2.25
C VAL C 43 -8.40 -9.57 -2.23
N ALA C 44 -8.56 -8.74 -3.26
CA ALA C 44 -7.84 -7.47 -3.33
C ALA C 44 -8.46 -6.51 -2.33
N THR C 45 -9.78 -6.57 -2.22
CA THR C 45 -10.51 -5.75 -1.27
C THR C 45 -12.00 -6.03 -1.37
N ALA C 46 -12.78 -5.48 -0.45
CA ALA C 46 -14.21 -5.71 -0.46
C ALA C 46 -14.92 -4.53 0.14
N ASN C 47 -16.19 -4.33 -0.22
CA ASN C 47 -16.91 -3.22 0.37
C ASN C 47 -17.35 -3.62 1.78
N TYR C 48 -17.88 -2.66 2.52
CA TYR C 48 -18.31 -2.93 3.88
C TYR C 48 -19.41 -3.96 4.01
N GLU C 49 -20.28 -4.03 3.02
CA GLU C 49 -21.35 -5.00 3.09
C GLU C 49 -20.73 -6.41 3.15
N ALA C 50 -19.50 -6.54 2.68
CA ALA C 50 -18.83 -7.84 2.72
C ALA C 50 -17.82 -7.84 3.84
N ARG C 51 -17.28 -6.67 4.12
CA ARG C 51 -16.28 -6.53 5.17
C ARG C 51 -16.79 -6.94 6.55
N LYS C 52 -18.05 -6.62 6.86
CA LYS C 52 -18.60 -6.95 8.15
C LYS C 52 -18.76 -8.46 8.40
N PHE C 53 -18.68 -9.26 7.34
CA PHE C 53 -18.80 -10.71 7.49
C PHE C 53 -17.42 -11.36 7.44
N GLY C 54 -16.37 -10.54 7.53
CA GLY C 54 -15.03 -11.08 7.53
C GLY C 54 -14.29 -11.15 6.20
N VAL C 55 -14.99 -10.88 5.10
CA VAL C 55 -14.35 -10.92 3.79
C VAL C 55 -13.48 -9.67 3.63
N LYS C 56 -12.17 -9.85 3.68
CA LYS C 56 -11.23 -8.74 3.60
C LYS C 56 -10.03 -9.05 2.72
N ALA C 57 -9.26 -8.01 2.40
CA ALA C 57 -8.07 -8.15 1.57
C ALA C 57 -7.11 -9.15 2.17
N GLY C 58 -6.65 -10.09 1.36
CA GLY C 58 -5.70 -11.06 1.85
C GLY C 58 -6.20 -12.49 1.89
N ILE C 59 -7.41 -12.70 2.39
CA ILE C 59 -7.97 -14.04 2.49
C ILE C 59 -8.11 -14.68 1.11
N PRO C 60 -8.13 -16.02 1.04
CA PRO C 60 -8.26 -16.68 -0.26
C PRO C 60 -9.69 -16.46 -0.77
N ILE C 61 -9.88 -16.50 -2.08
CA ILE C 61 -11.21 -16.30 -2.64
C ILE C 61 -12.13 -17.43 -2.18
N VAL C 62 -11.55 -18.62 -2.02
CA VAL C 62 -12.30 -19.79 -1.59
C VAL C 62 -12.89 -19.62 -0.19
N GLU C 63 -12.15 -18.95 0.69
CA GLU C 63 -12.64 -18.73 2.05
C GLU C 63 -13.75 -17.68 2.04
N ALA C 64 -13.71 -16.80 1.05
CA ALA C 64 -14.71 -15.76 0.92
C ALA C 64 -15.96 -16.35 0.28
N LYS C 65 -15.76 -17.30 -0.61
CA LYS C 65 -16.84 -17.97 -1.31
C LYS C 65 -17.66 -18.79 -0.31
N LYS C 66 -16.95 -19.30 0.69
CA LYS C 66 -17.50 -20.10 1.77
C LYS C 66 -18.36 -19.29 2.75
N ILE C 67 -18.01 -18.03 2.95
CA ILE C 67 -18.74 -17.16 3.88
C ILE C 67 -19.93 -16.47 3.22
N LEU C 68 -19.72 -15.91 2.02
CA LEU C 68 -20.76 -15.21 1.29
C LEU C 68 -20.85 -15.75 -0.13
N PRO C 69 -21.40 -16.96 -0.31
CA PRO C 69 -21.50 -17.52 -1.66
C PRO C 69 -22.24 -16.66 -2.68
N ASN C 70 -23.24 -15.90 -2.25
CA ASN C 70 -24.00 -15.11 -3.23
C ASN C 70 -23.55 -13.65 -3.38
N ALA C 71 -22.30 -13.36 -3.07
CA ALA C 71 -21.81 -11.99 -3.22
C ALA C 71 -21.21 -11.86 -4.62
N VAL C 72 -21.14 -10.63 -5.14
CA VAL C 72 -20.60 -10.41 -6.48
C VAL C 72 -19.09 -10.46 -6.46
N TYR C 73 -18.51 -11.28 -7.34
CA TYR C 73 -17.06 -11.46 -7.45
C TYR C 73 -16.52 -10.99 -8.79
N LEU C 74 -15.88 -9.82 -8.78
CA LEU C 74 -15.30 -9.21 -9.98
C LEU C 74 -13.80 -9.33 -10.02
N PRO C 75 -13.23 -9.54 -11.23
CA PRO C 75 -11.78 -9.65 -11.39
C PRO C 75 -11.21 -8.25 -11.14
N MET C 76 -9.96 -8.16 -10.74
CA MET C 76 -9.34 -6.87 -10.49
C MET C 76 -8.91 -6.19 -11.77
N ARG C 77 -9.27 -4.93 -11.95
CA ARG C 77 -8.87 -4.19 -13.14
C ARG C 77 -8.03 -3.00 -12.66
N LYS C 78 -6.75 -3.28 -12.43
CA LYS C 78 -5.81 -2.28 -11.95
C LYS C 78 -5.75 -0.98 -12.74
N GLU C 79 -5.61 -1.09 -14.06
CA GLU C 79 -5.51 0.10 -14.92
C GLU C 79 -6.60 1.11 -14.65
N VAL C 80 -7.84 0.68 -14.74
CA VAL C 80 -8.99 1.54 -14.51
C VAL C 80 -8.85 2.33 -13.22
N TYR C 81 -8.71 1.62 -12.10
CA TYR C 81 -8.61 2.27 -10.80
C TYR C 81 -7.52 3.35 -10.84
N GLN C 82 -6.42 3.03 -11.52
CA GLN C 82 -5.30 3.96 -11.61
C GLN C 82 -5.71 5.30 -12.21
N GLN C 83 -6.47 5.27 -13.29
CA GLN C 83 -6.89 6.52 -13.92
C GLN C 83 -7.94 7.27 -13.12
N VAL C 84 -8.76 6.55 -12.36
CA VAL C 84 -9.77 7.22 -11.54
C VAL C 84 -9.03 7.84 -10.36
N SER C 85 -8.02 7.16 -9.86
CA SER C 85 -7.22 7.68 -8.78
C SER C 85 -6.60 9.00 -9.18
N SER C 86 -5.81 8.99 -10.26
CA SER C 86 -5.13 10.19 -10.70
C SER C 86 -6.04 11.40 -10.93
N ARG C 87 -7.23 11.16 -11.49
CA ARG C 87 -8.14 12.25 -11.74
C ARG C 87 -8.50 12.89 -10.41
N ILE C 88 -8.64 12.07 -9.38
CA ILE C 88 -8.99 12.58 -8.07
C ILE C 88 -7.79 13.34 -7.51
N MET C 89 -6.59 12.83 -7.75
CA MET C 89 -5.41 13.50 -7.23
C MET C 89 -5.30 14.90 -7.84
N ASN C 90 -5.81 15.06 -9.06
CA ASN C 90 -5.77 16.38 -9.67
C ASN C 90 -6.72 17.35 -8.97
N LEU C 91 -7.92 16.88 -8.62
CA LEU C 91 -8.86 17.74 -7.93
C LEU C 91 -8.28 18.17 -6.59
N LEU C 92 -7.37 17.36 -6.06
CA LEU C 92 -6.77 17.69 -4.77
C LEU C 92 -5.72 18.77 -4.92
N ARG C 93 -5.14 18.90 -6.11
CA ARG C 93 -4.13 19.92 -6.35
C ARG C 93 -4.77 21.30 -6.25
N GLU C 94 -6.05 21.37 -6.57
CA GLU C 94 -6.81 22.61 -6.52
C GLU C 94 -7.12 22.98 -5.08
N TYR C 95 -6.25 22.59 -4.17
CA TYR C 95 -6.45 22.87 -2.74
C TYR C 95 -5.10 23.02 -2.07
N SER C 96 -4.03 22.81 -2.84
CA SER C 96 -2.67 22.92 -2.32
C SER C 96 -1.65 22.45 -3.37
N GLU C 97 -0.41 22.86 -3.18
CA GLU C 97 0.67 22.48 -4.10
C GLU C 97 1.51 21.44 -3.40
N LYS C 98 1.62 21.60 -2.09
CA LYS C 98 2.39 20.70 -1.26
C LYS C 98 1.57 19.43 -1.05
N ILE C 99 1.72 18.50 -1.98
CA ILE C 99 0.99 17.25 -1.91
C ILE C 99 1.90 16.04 -2.07
N GLU C 100 1.64 15.02 -1.27
CA GLU C 100 2.40 13.77 -1.28
C GLU C 100 1.43 12.62 -1.57
N ILE C 101 1.63 11.94 -2.69
CA ILE C 101 0.78 10.81 -3.06
C ILE C 101 1.40 9.49 -2.57
N ALA C 102 1.07 9.13 -1.33
CA ALA C 102 1.58 7.92 -0.69
C ALA C 102 1.27 6.59 -1.37
N SER C 103 0.10 6.48 -1.98
CA SER C 103 -0.31 5.27 -2.67
C SER C 103 -1.41 5.59 -3.66
N ILE C 104 -1.96 4.54 -4.27
CA ILE C 104 -3.00 4.72 -5.26
C ILE C 104 -4.23 5.41 -4.69
N ASP C 105 -4.32 5.53 -3.37
CA ASP C 105 -5.51 6.15 -2.79
C ASP C 105 -5.30 6.84 -1.45
N GLU C 106 -4.10 7.33 -1.23
CA GLU C 106 -3.80 8.02 0.00
C GLU C 106 -3.12 9.30 -0.43
N ALA C 107 -3.23 10.34 0.37
CA ALA C 107 -2.59 11.59 0.05
C ALA C 107 -2.61 12.52 1.22
N TYR C 108 -1.49 13.21 1.41
CA TYR C 108 -1.39 14.16 2.49
C TYR C 108 -1.29 15.49 1.80
N LEU C 109 -2.02 16.47 2.32
CA LEU C 109 -1.97 17.82 1.79
C LEU C 109 -1.45 18.72 2.89
N ASP C 110 -0.53 19.61 2.55
CA ASP C 110 -0.02 20.54 3.54
C ASP C 110 -0.89 21.77 3.35
N ILE C 111 -1.71 22.08 4.34
CA ILE C 111 -2.59 23.22 4.22
C ILE C 111 -2.39 24.24 5.32
N SER C 112 -1.21 24.23 5.93
CA SER C 112 -0.90 25.15 7.02
C SER C 112 -1.24 26.58 6.61
N ASP C 113 -1.08 26.87 5.32
CA ASP C 113 -1.36 28.19 4.76
C ASP C 113 -2.84 28.52 4.70
N LYS C 114 -3.52 27.97 3.70
CA LYS C 114 -4.94 28.20 3.46
C LYS C 114 -5.85 28.03 4.68
N VAL C 115 -5.26 27.94 5.87
CA VAL C 115 -6.01 27.81 7.11
C VAL C 115 -5.21 28.51 8.21
N ARG C 116 -5.47 28.17 9.47
CA ARG C 116 -4.76 28.78 10.60
C ARG C 116 -5.21 28.16 11.93
N ASP C 117 -6.30 27.40 11.87
CA ASP C 117 -6.85 26.71 13.04
C ASP C 117 -7.60 25.49 12.49
N TYR C 118 -8.15 24.67 13.37
CA TYR C 118 -8.86 23.48 12.92
C TYR C 118 -10.27 23.71 12.41
N ARG C 119 -10.93 24.74 12.92
CA ARG C 119 -12.30 25.03 12.49
C ARG C 119 -12.36 25.31 10.99
N GLU C 120 -11.31 25.94 10.47
CA GLU C 120 -11.26 26.24 9.04
C GLU C 120 -10.61 25.09 8.28
N ALA C 121 -10.26 24.04 9.00
CA ALA C 121 -9.65 22.86 8.39
C ALA C 121 -10.75 21.83 8.20
N TYR C 122 -11.55 21.64 9.24
CA TYR C 122 -12.68 20.72 9.22
C TYR C 122 -13.61 21.16 8.09
N ASN C 123 -13.52 22.43 7.72
CA ASN C 123 -14.34 22.99 6.66
C ASN C 123 -13.78 22.64 5.30
N LEU C 124 -12.46 22.71 5.17
CA LEU C 124 -11.81 22.37 3.91
C LEU C 124 -11.92 20.87 3.73
N GLY C 125 -12.12 20.16 4.83
CA GLY C 125 -12.26 18.71 4.79
C GLY C 125 -13.59 18.36 4.16
N LEU C 126 -14.60 19.15 4.47
CA LEU C 126 -15.92 18.93 3.92
C LEU C 126 -16.00 19.51 2.51
N GLU C 127 -15.23 20.55 2.24
CA GLU C 127 -15.24 21.14 0.90
C GLU C 127 -14.62 20.12 -0.06
N ILE C 128 -13.66 19.33 0.44
CA ILE C 128 -12.98 18.32 -0.36
C ILE C 128 -13.75 17.00 -0.48
N LYS C 129 -14.32 16.53 0.62
CA LYS C 129 -15.11 15.31 0.54
C LYS C 129 -16.19 15.56 -0.51
N ASN C 130 -17.06 16.52 -0.24
CA ASN C 130 -18.15 16.87 -1.15
C ASN C 130 -17.72 17.17 -2.58
N LYS C 131 -16.56 17.78 -2.75
CA LYS C 131 -16.10 18.08 -4.09
C LYS C 131 -15.82 16.77 -4.82
N ILE C 132 -15.16 15.84 -4.14
CA ILE C 132 -14.82 14.55 -4.73
C ILE C 132 -16.05 13.68 -4.97
N LEU C 133 -16.95 13.66 -3.99
CA LEU C 133 -18.18 12.88 -4.13
C LEU C 133 -18.99 13.39 -5.30
N GLU C 134 -18.73 14.63 -5.70
CA GLU C 134 -19.46 15.26 -6.80
C GLU C 134 -18.86 14.97 -8.17
N LYS C 135 -17.61 15.38 -8.35
CA LYS C 135 -16.94 15.19 -9.64
C LYS C 135 -16.70 13.73 -10.00
N GLU C 136 -16.48 12.88 -8.99
CA GLU C 136 -16.21 11.47 -9.26
C GLU C 136 -17.10 10.45 -8.56
N LYS C 137 -18.04 10.94 -7.76
CA LYS C 137 -18.97 10.06 -7.04
C LYS C 137 -18.27 9.02 -6.15
N ILE C 138 -17.21 9.45 -5.48
CA ILE C 138 -16.45 8.58 -4.59
C ILE C 138 -16.29 9.14 -3.17
N THR C 139 -16.64 8.32 -2.19
CA THR C 139 -16.53 8.70 -0.79
C THR C 139 -15.12 8.52 -0.24
N VAL C 140 -14.68 9.48 0.56
CA VAL C 140 -13.36 9.44 1.16
C VAL C 140 -13.46 9.74 2.65
N THR C 141 -12.40 9.43 3.37
CA THR C 141 -12.36 9.72 4.79
C THR C 141 -11.20 10.68 4.93
N VAL C 142 -11.45 11.78 5.63
CA VAL C 142 -10.43 12.80 5.85
C VAL C 142 -9.96 12.75 7.29
N GLY C 143 -8.66 12.97 7.47
CA GLY C 143 -8.08 12.99 8.81
C GLY C 143 -7.28 14.26 8.85
N ILE C 144 -7.34 14.98 9.97
CA ILE C 144 -6.60 16.24 10.11
C ILE C 144 -5.92 16.33 11.47
N SER C 145 -4.61 16.63 11.44
CA SER C 145 -3.82 16.74 12.67
C SER C 145 -2.59 17.57 12.34
N LYS C 146 -1.61 17.61 13.24
CA LYS C 146 -0.41 18.41 12.99
C LYS C 146 0.70 17.78 12.14
N ASN C 147 0.80 16.46 12.10
CA ASN C 147 1.81 15.81 11.27
C ASN C 147 1.16 14.67 10.52
N LYS C 148 1.85 14.15 9.52
CA LYS C 148 1.31 13.07 8.72
C LYS C 148 0.88 11.84 9.52
N VAL C 149 1.70 11.39 10.45
CA VAL C 149 1.33 10.21 11.22
C VAL C 149 -0.01 10.35 11.92
N PHE C 150 -0.26 11.51 12.54
CA PHE C 150 -1.53 11.70 13.24
C PHE C 150 -2.67 12.06 12.30
N ALA C 151 -2.33 12.67 11.17
CA ALA C 151 -3.34 13.01 10.19
C ALA C 151 -3.94 11.67 9.75
N LYS C 152 -3.06 10.68 9.57
CA LYS C 152 -3.49 9.37 9.14
C LYS C 152 -4.29 8.62 10.19
N ILE C 153 -3.79 8.58 11.43
CA ILE C 153 -4.51 7.88 12.50
C ILE C 153 -5.93 8.42 12.58
N ALA C 154 -6.06 9.73 12.35
CA ALA C 154 -7.35 10.38 12.38
C ALA C 154 -8.31 9.64 11.45
N ALA C 155 -7.95 9.58 10.17
CA ALA C 155 -8.75 8.89 9.17
C ALA C 155 -9.06 7.46 9.64
N ASP C 156 -8.05 6.73 10.10
CA ASP C 156 -8.27 5.36 10.56
C ASP C 156 -9.43 5.29 11.55
N MET C 157 -9.46 6.24 12.49
CA MET C 157 -10.53 6.26 13.47
C MET C 157 -11.89 6.64 12.91
N ALA C 158 -11.89 7.50 11.89
CA ALA C 158 -13.12 8.01 11.26
C ALA C 158 -13.68 7.26 10.04
N LYS C 159 -12.96 6.29 9.49
CA LYS C 159 -13.47 5.60 8.31
C LYS C 159 -14.56 4.59 8.63
N PRO C 160 -15.44 4.30 7.65
CA PRO C 160 -15.42 4.87 6.29
C PRO C 160 -16.19 6.19 6.19
N ASN C 161 -16.08 6.83 5.02
CA ASN C 161 -16.74 8.09 4.74
C ASN C 161 -16.91 8.95 5.97
N GLY C 162 -15.79 9.33 6.58
CA GLY C 162 -15.84 10.17 7.76
C GLY C 162 -14.81 11.29 7.71
N ILE C 163 -14.77 12.09 8.76
CA ILE C 163 -13.82 13.18 8.88
C ILE C 163 -13.55 13.35 10.36
N LYS C 164 -12.30 13.61 10.70
CA LYS C 164 -11.93 13.73 12.08
C LYS C 164 -10.72 14.61 12.30
N VAL C 165 -10.74 15.34 13.39
CA VAL C 165 -9.64 16.24 13.73
C VAL C 165 -9.01 15.80 15.04
N ILE C 166 -7.71 15.60 15.01
CA ILE C 166 -6.99 15.23 16.20
C ILE C 166 -6.13 16.44 16.50
N ASP C 167 -6.63 17.30 17.39
CA ASP C 167 -5.93 18.53 17.75
C ASP C 167 -4.60 18.29 18.46
N ASP C 168 -4.48 18.74 19.71
CA ASP C 168 -3.23 18.57 20.47
C ASP C 168 -3.59 18.05 21.85
N GLU C 169 -4.68 18.60 22.38
CA GLU C 169 -5.18 18.21 23.68
C GLU C 169 -5.29 16.68 23.67
N GLU C 170 -5.82 16.15 22.57
CA GLU C 170 -6.01 14.70 22.44
C GLU C 170 -4.77 13.98 21.95
N VAL C 171 -3.90 14.67 21.21
CA VAL C 171 -2.69 14.01 20.74
C VAL C 171 -1.95 13.55 21.98
N LYS C 172 -2.05 14.35 23.05
CA LYS C 172 -1.41 14.05 24.31
C LYS C 172 -1.94 12.76 24.90
N ARG C 173 -3.27 12.61 24.92
CA ARG C 173 -3.86 11.41 25.48
C ARG C 173 -3.61 10.19 24.60
N LEU C 174 -3.47 10.40 23.29
CA LEU C 174 -3.22 9.31 22.34
C LEU C 174 -1.83 8.72 22.51
N ILE C 175 -0.85 9.58 22.81
CA ILE C 175 0.52 9.12 23.02
C ILE C 175 0.54 8.22 24.25
N ARG C 176 -0.57 8.16 24.96
CA ARG C 176 -0.67 7.35 26.17
C ARG C 176 -1.78 6.33 26.08
N GLU C 177 -2.86 6.69 25.40
CA GLU C 177 -4.00 5.80 25.26
C GLU C 177 -3.98 4.91 24.01
N LEU C 178 -3.29 5.36 22.95
CA LEU C 178 -3.25 4.59 21.71
C LEU C 178 -2.39 3.34 21.78
N ASP C 179 -2.91 2.26 21.22
CA ASP C 179 -2.19 1.01 21.19
C ASP C 179 -1.07 1.13 20.15
N ILE C 180 0.15 0.86 20.55
CA ILE C 180 1.31 0.97 19.66
C ILE C 180 1.12 0.28 18.29
N ALA C 181 0.38 -0.83 18.28
CA ALA C 181 0.15 -1.57 17.03
C ALA C 181 -0.65 -0.79 16.00
N ASP C 182 -1.45 0.18 16.44
CA ASP C 182 -2.26 0.96 15.51
C ASP C 182 -1.55 2.21 15.00
N VAL C 183 -0.23 2.23 15.15
CA VAL C 183 0.61 3.34 14.68
C VAL C 183 1.17 3.02 13.28
N PRO C 184 0.82 3.83 12.27
CA PRO C 184 1.32 3.59 10.91
C PRO C 184 2.77 3.18 10.90
N GLY C 185 3.11 2.12 10.17
CA GLY C 185 4.49 1.71 10.11
C GLY C 185 4.81 0.58 11.07
N ILE C 186 3.99 0.41 12.10
CA ILE C 186 4.21 -0.67 13.05
C ILE C 186 3.35 -1.81 12.53
N GLY C 187 4.01 -2.84 12.02
CA GLY C 187 3.28 -3.98 11.50
C GLY C 187 3.12 -5.03 12.56
N ASN C 188 2.60 -6.19 12.20
CA ASN C 188 2.39 -7.24 13.18
C ASN C 188 3.72 -7.68 13.83
N ILE C 189 4.75 -7.84 13.00
CA ILE C 189 6.03 -8.28 13.53
C ILE C 189 6.63 -7.28 14.49
N THR C 190 6.60 -6.01 14.12
CA THR C 190 7.15 -4.97 14.98
C THR C 190 6.29 -4.84 16.24
N ALA C 191 4.98 -4.98 16.10
CA ALA C 191 4.06 -4.88 17.24
C ALA C 191 4.41 -5.91 18.29
N GLU C 192 4.79 -7.11 17.83
CA GLU C 192 5.13 -8.20 18.73
C GLU C 192 6.50 -8.01 19.36
N LYS C 193 7.46 -7.48 18.62
CA LYS C 193 8.79 -7.27 19.18
C LYS C 193 8.69 -6.22 20.27
N LEU C 194 7.64 -5.41 20.22
CA LEU C 194 7.46 -4.37 21.21
C LEU C 194 6.82 -4.85 22.49
N LYS C 195 6.23 -6.04 22.47
CA LYS C 195 5.62 -6.58 23.68
C LYS C 195 6.76 -7.08 24.57
N LYS C 196 7.71 -7.74 23.93
CA LYS C 196 8.87 -8.28 24.63
C LYS C 196 9.76 -7.19 25.24
N LEU C 197 9.36 -5.93 25.06
CA LEU C 197 10.11 -4.81 25.59
C LEU C 197 9.22 -3.99 26.51
N GLY C 198 7.95 -4.37 26.59
CA GLY C 198 7.04 -3.65 27.46
C GLY C 198 6.53 -2.39 26.85
N ILE C 199 6.51 -2.35 25.53
CA ILE C 199 6.02 -1.20 24.79
C ILE C 199 4.63 -1.49 24.27
N ASN C 200 3.61 -1.00 24.94
CA ASN C 200 2.26 -1.25 24.48
C ASN C 200 1.58 0.04 24.08
N LYS C 201 2.25 1.17 24.32
CA LYS C 201 1.73 2.49 23.98
C LYS C 201 2.96 3.29 23.55
N LEU C 202 2.76 4.43 22.91
CA LEU C 202 3.89 5.24 22.46
C LEU C 202 4.75 5.70 23.61
N VAL C 203 4.08 6.17 24.66
CA VAL C 203 4.77 6.68 25.82
C VAL C 203 5.82 5.71 26.40
N ASP C 204 5.54 4.42 26.40
CA ASP C 204 6.50 3.45 26.95
C ASP C 204 7.87 3.49 26.28
N THR C 205 7.98 4.15 25.14
CA THR C 205 9.25 4.22 24.43
C THR C 205 10.25 5.12 25.13
N LEU C 206 9.74 6.08 25.89
CA LEU C 206 10.61 6.99 26.61
C LEU C 206 11.24 6.27 27.82
N SER C 207 10.50 5.29 28.36
CA SER C 207 10.91 4.50 29.51
C SER C 207 12.03 3.49 29.26
N ILE C 208 12.40 3.33 28.00
CA ILE C 208 13.43 2.36 27.62
C ILE C 208 14.69 3.06 27.08
N GLU C 209 15.85 2.53 27.42
CA GLU C 209 17.10 3.10 26.93
C GLU C 209 17.15 2.94 25.42
N PHE C 210 17.58 3.98 24.73
CA PHE C 210 17.62 3.96 23.27
C PHE C 210 18.31 2.77 22.62
N ASP C 211 19.40 2.28 23.20
CA ASP C 211 20.12 1.18 22.60
C ASP C 211 19.45 -0.18 22.63
N LYS C 212 18.70 -0.47 23.69
CA LYS C 212 18.03 -1.76 23.75
C LYS C 212 16.94 -1.74 22.67
N LEU C 213 16.49 -0.54 22.33
CA LEU C 213 15.44 -0.35 21.33
C LEU C 213 15.97 -0.39 19.91
N LYS C 214 17.18 0.13 19.69
CA LYS C 214 17.80 0.12 18.37
C LYS C 214 18.19 -1.31 18.00
N GLY C 215 18.45 -2.14 19.01
CA GLY C 215 18.83 -3.51 18.76
C GLY C 215 17.65 -4.40 18.45
N MET C 216 16.49 -4.05 18.98
CA MET C 216 15.30 -4.83 18.75
C MET C 216 14.56 -4.47 17.47
N ILE C 217 14.52 -3.20 17.12
CA ILE C 217 13.77 -2.81 15.93
C ILE C 217 14.53 -1.96 14.93
N GLY C 218 15.84 -1.85 15.11
CA GLY C 218 16.62 -1.06 14.17
C GLY C 218 16.58 0.41 14.55
N GLU C 219 17.54 1.18 14.08
CA GLU C 219 17.59 2.60 14.42
C GLU C 219 16.47 3.49 13.85
N ALA C 220 16.24 3.39 12.55
CA ALA C 220 15.21 4.21 11.88
C ALA C 220 13.89 4.22 12.60
N LYS C 221 13.33 3.04 12.79
CA LYS C 221 12.04 2.92 13.44
C LYS C 221 12.11 3.32 14.91
N ALA C 222 13.28 3.18 15.51
CA ALA C 222 13.47 3.54 16.91
C ALA C 222 13.37 5.06 17.01
N LYS C 223 14.09 5.76 16.14
CA LYS C 223 14.07 7.21 16.16
C LYS C 223 12.70 7.73 15.74
N TYR C 224 11.94 6.89 15.06
CA TYR C 224 10.60 7.23 14.59
C TYR C 224 9.62 7.21 15.75
N LEU C 225 9.56 6.08 16.44
CA LEU C 225 8.64 5.97 17.57
C LEU C 225 8.92 7.02 18.64
N ILE C 226 10.19 7.17 18.99
CA ILE C 226 10.57 8.13 20.00
C ILE C 226 10.09 9.52 19.64
N SER C 227 10.46 9.98 18.45
CA SER C 227 10.05 11.31 18.01
C SER C 227 8.55 11.48 18.20
N LEU C 228 7.75 10.51 17.76
CA LEU C 228 6.30 10.60 17.92
C LEU C 228 5.86 10.67 19.38
N ALA C 229 6.41 9.79 20.20
CA ALA C 229 6.04 9.76 21.61
C ALA C 229 6.48 11.04 22.29
N ARG C 230 7.71 11.46 21.99
CA ARG C 230 8.28 12.68 22.55
C ARG C 230 7.61 13.90 21.90
N ASP C 231 6.56 13.62 21.11
CA ASP C 231 5.77 14.62 20.39
C ASP C 231 6.58 15.65 19.58
N GLU C 232 7.49 15.17 18.76
CA GLU C 232 8.26 16.10 17.96
C GLU C 232 8.56 15.60 16.55
N TYR C 233 7.60 14.86 16.01
CA TYR C 233 7.67 14.31 14.67
C TYR C 233 7.21 15.38 13.68
N ASN C 234 7.99 15.61 12.63
CA ASN C 234 7.62 16.66 11.68
C ASN C 234 7.99 16.35 10.23
N GLU C 235 8.03 15.08 9.84
CA GLU C 235 8.38 14.78 8.46
C GLU C 235 7.54 15.64 7.55
N PRO C 236 8.16 16.23 6.51
CA PRO C 236 7.52 17.09 5.54
C PRO C 236 6.79 16.36 4.41
N ILE C 237 5.84 17.05 3.78
CA ILE C 237 5.07 16.51 2.66
C ILE C 237 5.87 16.79 1.40
N ARG C 238 6.15 15.76 0.60
CA ARG C 238 6.91 15.98 -0.62
C ARG C 238 6.53 15.05 -1.77
N THR C 239 6.78 15.52 -2.98
CA THR C 239 6.49 14.78 -4.20
C THR C 239 7.29 13.49 -4.28
N ARG C 240 6.63 12.35 -4.12
CA ARG C 240 7.33 11.07 -4.19
C ARG C 240 7.52 10.67 -5.66
N VAL C 241 8.63 10.02 -5.97
CA VAL C 241 8.87 9.64 -7.35
C VAL C 241 9.25 8.17 -7.55
N ARG C 242 8.61 7.56 -8.55
CA ARG C 242 8.81 6.16 -8.92
C ARG C 242 10.27 5.81 -8.96
N LYS C 243 10.64 4.79 -8.20
CA LYS C 243 12.02 4.37 -8.17
C LYS C 243 12.16 3.02 -8.87
N SER C 244 11.08 2.25 -8.92
CA SER C 244 11.10 0.94 -9.55
C SER C 244 9.77 0.55 -10.16
N ILE C 245 9.81 -0.34 -11.14
CA ILE C 245 8.63 -0.85 -11.84
C ILE C 245 8.78 -2.35 -11.98
N GLY C 246 7.71 -3.10 -11.84
CA GLY C 246 7.86 -4.53 -11.95
C GLY C 246 6.58 -5.30 -12.04
N ARG C 247 6.70 -6.62 -12.09
CA ARG C 247 5.55 -7.48 -12.19
C ARG C 247 5.91 -8.89 -11.80
N ILE C 248 5.08 -9.50 -10.96
CA ILE C 248 5.29 -10.86 -10.50
C ILE C 248 4.02 -11.61 -10.86
N VAL C 249 4.16 -12.79 -11.46
CA VAL C 249 2.98 -13.56 -11.86
C VAL C 249 2.98 -14.91 -11.19
N THR C 250 1.80 -15.52 -11.08
CA THR C 250 1.66 -16.83 -10.47
C THR C 250 1.68 -17.89 -11.53
N MET C 251 2.41 -18.97 -11.29
CA MET C 251 2.48 -20.06 -12.26
C MET C 251 1.32 -21.03 -12.01
N LYS C 252 0.83 -21.67 -13.08
CA LYS C 252 -0.27 -22.61 -12.92
C LYS C 252 0.13 -23.76 -12.00
N ARG C 253 1.43 -24.01 -11.91
CA ARG C 253 1.94 -25.08 -11.07
C ARG C 253 3.30 -24.69 -10.55
N ASN C 254 3.72 -25.31 -9.46
CA ASN C 254 5.02 -25.03 -8.89
C ASN C 254 6.04 -25.89 -9.62
N SER C 255 7.20 -25.33 -9.91
CA SER C 255 8.20 -26.07 -10.65
C SER C 255 9.59 -25.53 -10.45
N ARG C 256 10.57 -26.27 -10.96
CA ARG C 256 11.97 -25.87 -10.88
C ARG C 256 12.52 -25.93 -12.28
N ASN C 257 11.67 -26.26 -13.24
CA ASN C 257 12.10 -26.35 -14.62
C ASN C 257 12.25 -24.99 -15.30
N LEU C 258 13.47 -24.66 -15.69
CA LEU C 258 13.75 -23.39 -16.33
C LEU C 258 12.87 -23.12 -17.57
N GLU C 259 12.75 -24.11 -18.45
CA GLU C 259 11.95 -23.94 -19.65
C GLU C 259 10.46 -23.85 -19.34
N GLU C 260 10.07 -24.37 -18.17
CA GLU C 260 8.67 -24.36 -17.75
C GLU C 260 8.34 -23.02 -17.09
N ILE C 261 9.37 -22.34 -16.60
CA ILE C 261 9.23 -21.04 -15.92
C ILE C 261 9.43 -19.84 -16.84
N LYS C 262 10.40 -19.92 -17.74
CA LYS C 262 10.73 -18.82 -18.64
C LYS C 262 9.55 -18.05 -19.25
N PRO C 263 8.49 -18.75 -19.68
CA PRO C 263 7.35 -18.04 -20.27
C PRO C 263 6.70 -17.02 -19.31
N TYR C 264 6.62 -17.37 -18.03
CA TYR C 264 6.03 -16.50 -17.02
C TYR C 264 6.95 -15.31 -16.77
N LEU C 265 8.24 -15.61 -16.66
CA LEU C 265 9.23 -14.59 -16.42
C LEU C 265 9.28 -13.63 -17.59
N PHE C 266 9.17 -14.13 -18.81
CA PHE C 266 9.21 -13.25 -19.95
C PHE C 266 7.98 -12.36 -20.02
N ARG C 267 6.81 -12.94 -19.79
CA ARG C 267 5.57 -12.17 -19.83
C ARG C 267 5.67 -11.03 -18.82
N ALA C 268 6.31 -11.31 -17.69
CA ALA C 268 6.49 -10.30 -16.66
C ALA C 268 7.35 -9.16 -17.20
N ILE C 269 8.43 -9.51 -17.89
CA ILE C 269 9.32 -8.51 -18.46
C ILE C 269 8.58 -7.68 -19.51
N GLU C 270 7.84 -8.37 -20.37
CA GLU C 270 7.07 -7.71 -21.41
C GLU C 270 6.14 -6.67 -20.81
N GLU C 271 5.46 -7.03 -19.74
CA GLU C 271 4.55 -6.10 -19.09
C GLU C 271 5.28 -5.00 -18.35
N SER C 272 6.42 -5.32 -17.77
CA SER C 272 7.19 -4.32 -17.04
C SER C 272 7.65 -3.23 -17.99
N TYR C 273 8.11 -3.63 -19.17
CA TYR C 273 8.58 -2.65 -20.15
C TYR C 273 7.43 -1.79 -20.66
N TYR C 274 6.27 -2.39 -20.85
CA TYR C 274 5.12 -1.63 -21.30
C TYR C 274 4.86 -0.50 -20.30
N LYS C 275 4.94 -0.81 -19.02
CA LYS C 275 4.72 0.18 -17.98
C LYS C 275 5.89 1.16 -17.89
N LEU C 276 7.12 0.69 -18.08
CA LEU C 276 8.28 1.58 -18.03
C LEU C 276 8.07 2.77 -18.94
N ASP C 277 7.42 2.53 -20.07
CA ASP C 277 7.13 3.58 -21.06
C ASP C 277 8.13 4.75 -21.07
N LYS C 278 9.20 4.59 -21.84
CA LYS C 278 10.24 5.62 -22.00
C LYS C 278 11.32 5.69 -20.93
N ARG C 279 11.06 5.15 -19.74
CA ARG C 279 12.08 5.17 -18.71
C ARG C 279 13.10 4.06 -18.91
N ILE C 280 14.37 4.42 -18.84
CA ILE C 280 15.45 3.48 -19.01
C ILE C 280 16.04 3.03 -17.67
N PRO C 281 15.92 1.74 -17.37
CA PRO C 281 16.44 1.18 -16.12
C PRO C 281 17.86 0.63 -16.24
N LYS C 282 18.65 0.85 -15.20
CA LYS C 282 20.01 0.35 -15.15
C LYS C 282 20.09 -0.91 -14.29
N ALA C 283 19.11 -1.11 -13.42
CA ALA C 283 19.12 -2.29 -12.54
C ALA C 283 17.95 -3.26 -12.72
N ILE C 284 18.24 -4.55 -12.61
CA ILE C 284 17.22 -5.57 -12.76
C ILE C 284 17.30 -6.62 -11.65
N HIS C 285 16.16 -7.05 -11.15
CA HIS C 285 16.11 -8.07 -10.10
C HIS C 285 15.08 -9.09 -10.52
N VAL C 286 15.34 -10.36 -10.23
CA VAL C 286 14.37 -11.40 -10.54
C VAL C 286 13.86 -11.85 -9.19
N VAL C 287 12.56 -11.72 -8.97
CA VAL C 287 11.98 -12.12 -7.70
C VAL C 287 11.21 -13.40 -7.86
N ALA C 288 11.27 -14.24 -6.84
CA ALA C 288 10.58 -15.52 -6.86
C ALA C 288 9.96 -15.81 -5.52
N VAL C 289 8.78 -16.40 -5.54
CA VAL C 289 8.09 -16.78 -4.33
C VAL C 289 8.17 -18.30 -4.31
N THR C 290 8.98 -18.83 -3.40
CA THR C 290 9.16 -20.28 -3.31
C THR C 290 7.90 -21.01 -2.90
N GLU C 291 7.94 -22.32 -2.98
CA GLU C 291 6.78 -23.14 -2.63
C GLU C 291 6.13 -22.87 -1.28
N ASP C 292 6.81 -22.18 -0.36
CA ASP C 292 6.21 -21.88 0.94
C ASP C 292 6.16 -20.37 1.22
N LEU C 293 5.66 -19.63 0.24
CA LEU C 293 5.52 -18.18 0.34
C LEU C 293 6.71 -17.40 0.91
N ASP C 294 7.92 -17.86 0.59
CA ASP C 294 9.13 -17.17 1.04
C ASP C 294 9.70 -16.45 -0.18
N ILE C 295 10.05 -15.18 -0.02
CA ILE C 295 10.55 -14.36 -1.12
C ILE C 295 12.06 -14.41 -1.36
N VAL C 296 12.43 -14.78 -2.59
CA VAL C 296 13.84 -14.89 -3.02
C VAL C 296 14.11 -13.99 -4.22
N SER C 297 15.25 -13.31 -4.23
CA SER C 297 15.56 -12.41 -5.34
C SER C 297 17.05 -12.26 -5.62
N ARG C 298 17.39 -12.06 -6.88
CA ARG C 298 18.76 -11.89 -7.32
C ARG C 298 18.78 -10.76 -8.33
N GLY C 299 19.84 -9.94 -8.32
CA GLY C 299 19.87 -8.84 -9.26
C GLY C 299 21.23 -8.40 -9.76
N ARG C 300 21.20 -7.41 -10.65
CA ARG C 300 22.42 -6.86 -11.23
C ARG C 300 22.23 -5.43 -11.68
N THR C 301 23.21 -4.60 -11.35
CA THR C 301 23.15 -3.21 -11.74
C THR C 301 24.15 -3.04 -12.87
N PHE C 302 23.73 -2.38 -13.94
CA PHE C 302 24.62 -2.18 -15.07
C PHE C 302 25.13 -0.76 -15.15
N PRO C 303 26.24 -0.58 -15.85
CA PRO C 303 26.84 0.76 -16.00
C PRO C 303 26.02 1.60 -16.97
N HIS C 304 25.22 0.95 -17.81
CA HIS C 304 24.39 1.65 -18.78
C HIS C 304 22.90 1.28 -18.61
N GLY C 305 22.07 1.69 -19.56
CA GLY C 305 20.65 1.35 -19.49
C GLY C 305 20.50 -0.09 -19.93
N ILE C 306 19.31 -0.67 -19.78
CA ILE C 306 19.07 -2.05 -20.16
C ILE C 306 18.05 -2.19 -21.30
N SER C 307 18.53 -2.65 -22.45
CA SER C 307 17.65 -2.82 -23.60
C SER C 307 16.78 -4.04 -23.31
N LYS C 308 15.65 -4.13 -23.97
CA LYS C 308 14.75 -5.25 -23.76
C LYS C 308 15.51 -6.59 -23.91
N GLU C 309 16.26 -6.71 -24.98
CA GLU C 309 17.01 -7.94 -25.23
C GLU C 309 17.99 -8.25 -24.12
N THR C 310 18.65 -7.25 -23.58
CA THR C 310 19.59 -7.50 -22.49
C THR C 310 18.81 -8.11 -21.35
N ALA C 311 17.72 -7.45 -20.94
CA ALA C 311 16.87 -7.91 -19.85
C ALA C 311 16.50 -9.39 -19.98
N TYR C 312 16.07 -9.80 -21.17
CA TYR C 312 15.72 -11.20 -21.38
C TYR C 312 16.91 -12.05 -20.99
N SER C 313 18.03 -11.71 -21.60
CA SER C 313 19.28 -12.40 -21.36
C SER C 313 19.65 -12.48 -19.87
N GLU C 314 19.68 -11.33 -19.20
CA GLU C 314 20.05 -11.28 -17.80
C GLU C 314 19.13 -12.00 -16.82
N SER C 315 17.82 -11.81 -17.00
CA SER C 315 16.83 -12.44 -16.14
C SER C 315 17.00 -13.96 -16.10
N VAL C 316 17.25 -14.56 -17.27
CA VAL C 316 17.44 -16.01 -17.37
C VAL C 316 18.61 -16.43 -16.51
N LYS C 317 19.67 -15.64 -16.48
CA LYS C 317 20.84 -15.96 -15.66
C LYS C 317 20.49 -15.88 -14.16
N LEU C 318 19.89 -14.75 -13.77
CA LEU C 318 19.49 -14.49 -12.40
C LEU C 318 18.51 -15.54 -11.86
N LEU C 319 17.70 -16.09 -12.74
CA LEU C 319 16.75 -17.12 -12.34
C LEU C 319 17.56 -18.39 -12.05
N GLN C 320 18.44 -18.73 -12.98
CA GLN C 320 19.28 -19.91 -12.82
C GLN C 320 20.03 -19.77 -11.51
N LYS C 321 20.49 -18.58 -11.21
CA LYS C 321 21.22 -18.33 -9.97
C LYS C 321 20.31 -18.73 -8.80
N ILE C 322 19.03 -18.39 -8.90
CA ILE C 322 18.07 -18.71 -7.85
C ILE C 322 17.85 -20.21 -7.71
N LEU C 323 17.66 -20.90 -8.83
CA LEU C 323 17.46 -22.35 -8.77
C LEU C 323 18.75 -23.04 -8.31
N GLU C 324 19.90 -22.45 -8.61
CA GLU C 324 21.18 -23.03 -8.20
C GLU C 324 21.19 -23.17 -6.68
N GLU C 325 20.89 -22.07 -5.99
CA GLU C 325 20.86 -22.07 -4.53
C GLU C 325 19.65 -22.81 -3.97
N ASP C 326 18.56 -22.09 -3.75
CA ASP C 326 17.33 -22.66 -3.22
C ASP C 326 16.90 -23.91 -4.01
N GLU C 327 16.59 -24.99 -3.31
CA GLU C 327 16.16 -26.23 -3.95
C GLU C 327 14.64 -26.36 -3.86
N ARG C 328 13.99 -25.30 -3.41
CA ARG C 328 12.55 -25.27 -3.27
C ARG C 328 11.88 -24.99 -4.63
N LYS C 329 10.68 -25.52 -4.83
CA LYS C 329 9.97 -25.29 -6.07
C LYS C 329 9.57 -23.81 -6.10
N ILE C 330 9.29 -23.30 -7.30
CA ILE C 330 8.91 -21.90 -7.46
C ILE C 330 7.42 -21.75 -7.76
N ARG C 331 6.75 -20.95 -6.93
CA ARG C 331 5.32 -20.68 -7.05
C ARG C 331 5.03 -19.40 -7.85
N ARG C 332 5.71 -18.31 -7.52
CA ARG C 332 5.51 -17.05 -8.22
C ARG C 332 6.83 -16.55 -8.77
N ILE C 333 6.79 -15.88 -9.92
CA ILE C 333 8.01 -15.37 -10.53
C ILE C 333 7.79 -14.01 -11.22
N GLY C 334 8.79 -13.14 -11.11
CA GLY C 334 8.66 -11.82 -11.72
C GLY C 334 9.94 -10.99 -11.75
N VAL C 335 9.81 -9.75 -12.23
CA VAL C 335 10.95 -8.85 -12.32
C VAL C 335 10.62 -7.46 -11.82
N ARG C 336 11.68 -6.68 -11.59
CA ARG C 336 11.60 -5.29 -11.13
C ARG C 336 12.79 -4.51 -11.71
N PHE C 337 12.50 -3.34 -12.24
CA PHE C 337 13.53 -2.51 -12.82
C PHE C 337 13.69 -1.23 -12.01
N SER C 338 14.92 -0.95 -11.59
CA SER C 338 15.20 0.23 -10.80
C SER C 338 16.39 1.04 -11.33
N LYS C 339 16.72 2.12 -10.63
CA LYS C 339 17.80 3.02 -11.00
C LYS C 339 17.64 3.54 -12.42
N PHE C 340 16.54 4.24 -12.67
CA PHE C 340 16.27 4.78 -13.98
C PHE C 340 17.28 5.86 -14.34
N ILE C 341 17.53 6.02 -15.63
CA ILE C 341 18.47 7.05 -16.10
C ILE C 341 17.84 8.43 -15.93
CA CA D . 0.04 -0.56 12.18
CA CA E . -8.54 3.76 1.53
CA CA F . -5.27 3.04 3.70
PG DGT G . -9.93 1.53 3.34
O1G DGT G . -10.68 1.51 4.62
O2G DGT G . -8.42 2.02 3.56
O3G DGT G . -10.61 2.54 2.29
O3B DGT G . -9.84 0.08 2.61
PB DGT G . -9.51 -0.06 1.05
O1B DGT G . -10.40 -1.09 0.46
O2B DGT G . -9.48 1.29 0.44
O3A DGT G . -8.00 -0.61 1.10
PA DGT G . -6.91 0.31 1.82
O1A DGT G . -5.70 -0.34 2.36
O2A DGT G . -6.79 1.87 1.43
O5' DGT G . -6.20 0.11 0.38
C5' DGT G . -6.56 0.83 -0.80
C4' DGT G . -6.55 -0.13 -2.00
O4' DGT G . -5.31 -0.81 -2.20
C3' DGT G . -7.60 -1.23 -1.87
O3' DGT G . -8.88 -0.70 -2.24
C2' DGT G . -7.11 -2.16 -2.98
C1' DGT G . -5.59 -2.12 -2.73
N9 DGT G . -5.12 -3.16 -1.77
C8 DGT G . -5.06 -3.00 -0.45
N7 DGT G . -4.60 -4.12 0.10
C5 DGT G . -4.35 -4.99 -0.87
C6 DGT G . -3.87 -6.29 -0.88
O6 DGT G . -3.57 -6.86 0.17
N1 DGT G . -3.73 -6.96 -2.10
C2 DGT G . -4.09 -6.29 -3.28
N2 DGT G . -3.99 -6.92 -4.45
N3 DGT G . -4.56 -5.04 -3.23
C4 DGT G . -4.69 -4.38 -2.07
#